data_6KY2
#
_entry.id   6KY2
#
_cell.length_a   77.997
_cell.length_b   57.893
_cell.length_c   74.447
_cell.angle_alpha   90.000
_cell.angle_beta   100.090
_cell.angle_gamma   90.000
#
_symmetry.space_group_name_H-M   'C 1 2 1'
#
loop_
_entity.id
_entity.type
_entity.pdbx_description
1 polymer 'Arginine kinase'
2 non-polymer 'PHOSPHATE ION'
3 water water
#
_entity_poly.entity_id   1
_entity_poly.type   'polypeptide(L)'
_entity_poly.pdbx_seq_one_letter_code
;HHHHMVDAAVAEKLEAGFQKLQEATNCKSLLKKHLTREIFDKIKDLKTSFGSTLLDVIQSGVENLDSGFGVYAPDAEAYS
VFNDLFEPMICDYHTGFKPGDAHPPRDFGDLETFGNLDPEGAFIVSTRVRCGRSLAGYAFNPCLTEANYKEMEEKVVASL
SSLEGELKGTYYPLTGMTKEVQTQLIQDRFLFKEGDRFLQAANACRYWPTGRGIYHNDAKTFLVWCNEEDHLRIISMQKG
GDLKAVYARLVNAINEIEKRIPFSHHDKYGFLTFCPTNLGTTIRASVHIALPKLAADLAKLEEAAGKFNLQVRGTAGEHT
EAEGGVYDISNKRRMGLTEYQAVKEMYDGLQELIRMEKEAA
;
_entity_poly.pdbx_strand_id   A
#
loop_
_chem_comp.id
_chem_comp.type
_chem_comp.name
_chem_comp.formula
PO4 non-polymer 'PHOSPHATE ION' 'O4 P -3'
#
# COMPACT_ATOMS: atom_id res chain seq x y z
N HIS A 1 2.64 28.58 -4.60
CA HIS A 1 2.43 28.37 -6.05
C HIS A 1 0.97 28.55 -6.44
N HIS A 2 0.73 29.22 -7.56
CA HIS A 2 -0.61 29.47 -8.07
C HIS A 2 -1.20 28.18 -8.67
N HIS A 3 -2.53 28.15 -8.82
CA HIS A 3 -3.22 26.95 -9.29
C HIS A 3 -3.00 26.71 -10.80
N HIS A 4 -2.69 27.79 -11.52
CA HIS A 4 -2.49 27.72 -12.95
C HIS A 4 -1.06 28.05 -13.33
N MET A 5 -0.77 27.85 -14.61
CA MET A 5 0.51 28.18 -15.21
C MET A 5 1.65 27.22 -14.90
N VAL A 6 2.00 26.43 -15.91
CA VAL A 6 3.19 25.61 -15.86
C VAL A 6 4.18 26.26 -16.84
N ASP A 7 5.48 26.13 -16.57
CA ASP A 7 6.44 26.73 -17.48
C ASP A 7 6.54 25.97 -18.80
N ALA A 8 7.20 26.56 -19.79
CA ALA A 8 7.23 26.03 -21.16
C ALA A 8 7.87 24.64 -21.23
N ALA A 9 8.87 24.43 -20.38
CA ALA A 9 9.58 23.15 -20.32
C ALA A 9 8.59 22.03 -19.97
N VAL A 10 7.74 22.28 -18.97
CA VAL A 10 6.78 21.29 -18.50
C VAL A 10 5.79 20.97 -19.61
N ALA A 11 5.27 22.01 -20.26
CA ALA A 11 4.28 21.85 -21.32
C ALA A 11 4.80 20.96 -22.45
N GLU A 12 6.04 21.21 -22.87
CA GLU A 12 6.66 20.47 -23.99
C GLU A 12 6.80 18.99 -23.61
N LYS A 13 7.32 18.75 -22.41
CA LYS A 13 7.50 17.40 -21.89
C LYS A 13 6.16 16.64 -21.73
N LEU A 14 5.11 17.32 -21.24
CA LEU A 14 3.76 16.71 -21.17
C LEU A 14 3.21 16.30 -22.52
N GLU A 15 3.34 17.15 -23.53
CA GLU A 15 2.82 16.80 -24.84
C GLU A 15 3.55 15.59 -25.42
N ALA A 16 4.88 15.57 -25.28
CA ALA A 16 5.66 14.44 -25.79
C ALA A 16 5.25 13.15 -25.07
N GLY A 17 4.99 13.27 -23.77
CA GLY A 17 4.58 12.10 -22.99
C GLY A 17 3.23 11.60 -23.44
N PHE A 18 2.28 12.52 -23.69
CA PHE A 18 0.95 12.12 -24.13
C PHE A 18 1.04 11.40 -25.47
N GLN A 19 1.82 11.96 -26.41
CA GLN A 19 2.06 11.30 -27.71
C GLN A 19 2.70 9.90 -27.58
N LYS A 20 3.71 9.76 -26.73
CA LYS A 20 4.27 8.44 -26.47
C LYS A 20 3.18 7.47 -26.00
N LEU A 21 2.35 7.94 -25.08
CA LEU A 21 1.20 7.13 -24.66
C LEU A 21 0.38 6.72 -25.85
N GLN A 22 0.07 7.69 -26.72
CA GLN A 22 -0.79 7.43 -27.88
C GLN A 22 -0.20 6.47 -28.91
N GLU A 23 1.07 6.66 -29.25
CA GLU A 23 1.71 5.77 -30.22
C GLU A 23 1.91 4.35 -29.71
N ALA A 24 2.04 4.21 -28.39
CA ALA A 24 2.07 2.89 -27.77
C ALA A 24 0.66 2.31 -27.75
N THR A 25 0.20 1.85 -28.90
CA THR A 25 -1.17 1.33 -29.04
C THR A 25 -1.27 -0.03 -28.38
N ASN A 26 -0.17 -0.42 -27.74
CA ASN A 26 0.01 -1.74 -27.14
C ASN A 26 -0.13 -1.67 -25.61
N CYS A 27 -0.13 -0.44 -25.12
CA CYS A 27 -0.01 -0.14 -23.69
C CYS A 27 -1.26 -0.52 -22.89
N LYS A 28 -1.08 -1.33 -21.86
CA LYS A 28 -2.17 -1.78 -20.98
C LYS A 28 -2.42 -0.93 -19.72
N SER A 29 -1.67 0.14 -19.51
CA SER A 29 -1.74 0.87 -18.23
C SER A 29 -3.09 1.57 -18.01
N LEU A 30 -3.48 1.77 -16.75
CA LEU A 30 -4.68 2.57 -16.43
C LEU A 30 -4.48 4.03 -16.85
N LEU A 31 -3.23 4.48 -16.80
CA LEU A 31 -2.87 5.84 -17.21
C LEU A 31 -3.25 6.03 -18.68
N LYS A 32 -2.81 5.10 -19.53
CA LYS A 32 -3.12 5.19 -20.98
C LYS A 32 -4.62 5.05 -21.24
N LYS A 33 -5.27 4.13 -20.55
CA LYS A 33 -6.70 3.96 -20.71
C LYS A 33 -7.47 5.24 -20.37
N HIS A 34 -7.10 5.92 -19.28
CA HIS A 34 -7.96 6.99 -18.75
C HIS A 34 -7.52 8.43 -19.06
N LEU A 35 -6.26 8.63 -19.48
CA LEU A 35 -5.83 9.98 -19.83
C LEU A 35 -6.23 10.23 -21.27
N THR A 36 -7.46 10.64 -21.43
CA THR A 36 -7.96 10.98 -22.76
C THR A 36 -7.41 12.37 -23.13
N ARG A 37 -7.41 12.68 -24.43
CA ARG A 37 -6.98 14.01 -24.86
C ARG A 37 -7.82 15.10 -24.18
N GLU A 38 -9.13 14.89 -24.06
CA GLU A 38 -10.00 15.88 -23.45
C GLU A 38 -9.58 16.16 -22.01
N ILE A 39 -9.33 15.10 -21.26
CA ILE A 39 -8.90 15.30 -19.89
C ILE A 39 -7.52 15.98 -19.82
N PHE A 40 -6.60 15.51 -20.65
CA PHE A 40 -5.24 16.01 -20.73
C PHE A 40 -5.27 17.51 -21.01
N ASP A 41 -6.06 17.89 -22.01
CA ASP A 41 -6.19 19.30 -22.41
C ASP A 41 -6.79 20.17 -21.31
N LYS A 42 -7.59 19.58 -20.42
CA LYS A 42 -8.24 20.31 -19.33
C LYS A 42 -7.33 20.57 -18.14
N ILE A 43 -6.48 19.59 -17.80
CA ILE A 43 -5.69 19.68 -16.60
C ILE A 43 -4.20 19.92 -16.85
N LYS A 44 -3.78 19.97 -18.12
CA LYS A 44 -2.34 20.07 -18.37
C LYS A 44 -1.63 21.35 -17.86
N ASP A 45 -2.38 22.44 -17.61
CA ASP A 45 -1.76 23.70 -17.13
C ASP A 45 -2.04 23.98 -15.64
N LEU A 46 -2.41 22.96 -14.88
CA LEU A 46 -2.71 23.12 -13.46
C LEU A 46 -1.52 22.74 -12.55
N LYS A 47 -1.47 23.31 -11.35
CA LYS A 47 -0.40 23.02 -10.36
C LYS A 47 -1.04 22.98 -9.00
N THR A 48 -0.49 22.17 -8.10
CA THR A 48 -0.89 22.22 -6.70
C THR A 48 -0.13 23.37 -6.01
N SER A 49 -0.51 23.66 -4.76
CA SER A 49 0.10 24.75 -4.02
C SER A 49 1.56 24.43 -3.69
N PHE A 50 1.91 23.14 -3.73
CA PHE A 50 3.29 22.72 -3.55
C PHE A 50 4.08 22.93 -4.83
N GLY A 51 3.41 23.30 -5.91
CA GLY A 51 4.06 23.43 -7.21
C GLY A 51 4.08 22.19 -8.10
N SER A 52 3.45 21.09 -7.69
CA SER A 52 3.42 19.88 -8.53
C SER A 52 2.54 20.06 -9.80
N THR A 53 3.05 19.62 -10.94
CA THR A 53 2.28 19.68 -12.20
C THR A 53 1.78 18.29 -12.59
N LEU A 54 1.06 18.22 -13.71
CA LEU A 54 0.63 16.94 -14.27
C LEU A 54 1.85 16.06 -14.60
N LEU A 55 3.00 16.67 -14.88
CA LEU A 55 4.18 15.87 -15.20
C LEU A 55 4.64 15.11 -13.94
N ASP A 56 4.48 15.72 -12.79
CA ASP A 56 4.83 15.10 -11.51
C ASP A 56 3.83 13.97 -11.16
N VAL A 57 2.70 13.95 -11.85
CA VAL A 57 1.73 12.86 -11.71
C VAL A 57 2.00 11.68 -12.65
N ILE A 58 2.20 11.95 -13.93
CA ILE A 58 2.15 10.90 -14.92
C ILE A 58 3.52 10.38 -15.41
N GLN A 59 4.61 11.06 -15.04
CA GLN A 59 5.90 10.80 -15.68
C GLN A 59 6.35 9.34 -15.56
N SER A 60 6.05 8.70 -14.43
CA SER A 60 6.46 7.30 -14.31
C SER A 60 5.77 6.37 -15.30
N GLY A 61 4.50 6.64 -15.56
CA GLY A 61 3.70 5.78 -16.42
C GLY A 61 4.02 6.09 -17.87
N VAL A 62 4.56 7.28 -18.09
CA VAL A 62 5.00 7.67 -19.43
C VAL A 62 6.34 7.00 -19.74
N GLU A 63 7.29 7.11 -18.83
CA GLU A 63 8.61 6.49 -19.01
C GLU A 63 8.58 4.95 -18.92
N ASN A 64 7.71 4.41 -18.06
CA ASN A 64 7.52 2.97 -17.95
C ASN A 64 6.15 2.57 -18.49
N LEU A 65 6.05 2.33 -19.80
CA LEU A 65 4.75 2.03 -20.40
C LEU A 65 4.15 0.72 -19.90
N ASP A 66 4.99 -0.16 -19.37
CA ASP A 66 4.54 -1.43 -18.80
C ASP A 66 3.99 -1.29 -17.40
N SER A 67 3.93 -0.06 -16.87
CA SER A 67 3.23 0.22 -15.60
C SER A 67 1.83 -0.37 -15.64
N GLY A 68 1.35 -0.89 -14.52
CA GLY A 68 -0.03 -1.34 -14.43
C GLY A 68 -1.03 -0.21 -14.15
N PHE A 69 -0.64 0.68 -13.24
CA PHE A 69 -1.48 1.83 -12.87
C PHE A 69 -0.94 3.05 -13.63
N GLY A 70 0.23 3.55 -13.22
CA GLY A 70 0.98 4.53 -14.02
C GLY A 70 0.94 5.99 -13.58
N VAL A 71 0.32 6.30 -12.45
CA VAL A 71 0.42 7.64 -11.86
C VAL A 71 0.75 7.54 -10.39
N TYR A 72 1.28 8.64 -9.86
CA TYR A 72 1.49 8.77 -8.41
C TYR A 72 1.04 10.17 -8.01
N ALA A 73 0.75 10.36 -6.73
CA ALA A 73 0.38 11.67 -6.23
C ALA A 73 1.63 12.34 -5.66
N PRO A 74 2.05 13.46 -6.28
CA PRO A 74 3.28 14.16 -5.81
C PRO A 74 3.10 14.89 -4.48
N ASP A 75 1.85 15.16 -4.13
CA ASP A 75 1.51 15.70 -2.83
C ASP A 75 0.01 15.44 -2.65
N ALA A 76 -0.52 15.67 -1.45
CA ALA A 76 -1.90 15.31 -1.14
C ALA A 76 -2.92 16.10 -1.97
N GLU A 77 -2.54 17.31 -2.34
CA GLU A 77 -3.45 18.19 -3.08
C GLU A 77 -3.62 17.77 -4.55
N ALA A 78 -2.70 16.95 -5.05
CA ALA A 78 -2.79 16.51 -6.43
C ALA A 78 -4.09 15.73 -6.64
N TYR A 79 -4.56 15.07 -5.58
CA TYR A 79 -5.78 14.29 -5.66
C TYR A 79 -6.98 15.18 -5.99
N SER A 80 -6.94 16.44 -5.61
CA SER A 80 -8.04 17.36 -5.91
C SER A 80 -7.79 18.03 -7.24
N VAL A 81 -6.60 18.61 -7.37
CA VAL A 81 -6.28 19.42 -8.52
C VAL A 81 -6.39 18.61 -9.82
N PHE A 82 -5.83 17.39 -9.82
CA PHE A 82 -5.83 16.51 -11.00
C PHE A 82 -6.88 15.39 -10.91
N ASN A 83 -7.91 15.65 -10.10
CA ASN A 83 -8.99 14.68 -9.88
C ASN A 83 -9.67 14.21 -11.19
N ASP A 84 -9.64 15.04 -12.22
CA ASP A 84 -10.18 14.64 -13.51
C ASP A 84 -9.50 13.40 -14.07
N LEU A 85 -8.23 13.18 -13.68
CA LEU A 85 -7.55 11.96 -14.04
C LEU A 85 -7.59 10.98 -12.86
N PHE A 86 -7.30 11.46 -11.66
CA PHE A 86 -7.26 10.52 -10.56
C PHE A 86 -8.57 9.76 -10.41
N GLU A 87 -9.69 10.48 -10.48
CA GLU A 87 -10.98 9.86 -10.14
C GLU A 87 -11.33 8.62 -10.97
N PRO A 88 -11.31 8.73 -12.32
CA PRO A 88 -11.62 7.54 -13.10
C PRO A 88 -10.60 6.40 -12.86
N MET A 89 -9.34 6.76 -12.60
CA MET A 89 -8.32 5.73 -12.43
C MET A 89 -8.56 4.98 -11.11
N ILE A 90 -8.76 5.75 -10.07
CA ILE A 90 -9.00 5.22 -8.73
C ILE A 90 -10.24 4.34 -8.79
N CYS A 91 -11.31 4.83 -9.42
CA CYS A 91 -12.56 4.11 -9.41
C CYS A 91 -12.52 2.88 -10.31
N ASP A 92 -11.68 2.89 -11.35
CA ASP A 92 -11.46 1.68 -12.15
C ASP A 92 -10.78 0.59 -11.29
N TYR A 93 -9.70 1.00 -10.63
CA TYR A 93 -8.86 0.04 -9.89
C TYR A 93 -9.56 -0.56 -8.65
N HIS A 94 -10.31 0.25 -7.92
CA HIS A 94 -10.77 -0.17 -6.58
C HIS A 94 -12.16 -0.78 -6.62
N THR A 95 -12.23 -2.09 -6.32
CA THR A 95 -13.50 -2.80 -6.35
CA THR A 95 -13.49 -2.81 -6.31
C THR A 95 -14.48 -2.19 -5.33
N GLY A 96 -15.71 -2.02 -5.80
CA GLY A 96 -16.77 -1.44 -4.96
C GLY A 96 -16.74 0.05 -4.67
N PHE A 97 -15.94 0.83 -5.36
CA PHE A 97 -15.87 2.26 -5.10
C PHE A 97 -16.15 2.97 -6.41
N LYS A 98 -17.04 3.96 -6.38
CA LYS A 98 -17.38 4.67 -7.61
C LYS A 98 -17.43 6.19 -7.38
N PRO A 99 -17.39 6.97 -8.47
CA PRO A 99 -17.36 8.41 -8.33
C PRO A 99 -18.55 8.87 -7.53
N GLY A 100 -18.33 9.80 -6.62
CA GLY A 100 -19.41 10.24 -5.73
C GLY A 100 -19.45 9.55 -4.38
N ASP A 101 -18.77 8.42 -4.23
CA ASP A 101 -18.78 7.69 -2.95
C ASP A 101 -17.86 8.44 -2.00
N ALA A 102 -18.16 8.33 -0.70
CA ALA A 102 -17.26 8.84 0.32
C ALA A 102 -16.74 7.65 1.12
N HIS A 103 -15.43 7.50 1.13
CA HIS A 103 -14.85 6.38 1.87
C HIS A 103 -15.19 6.65 3.34
N PRO A 104 -15.67 5.63 4.08
CA PRO A 104 -16.12 5.92 5.45
C PRO A 104 -14.98 6.28 6.40
N PRO A 105 -15.30 6.93 7.53
CA PRO A 105 -14.21 7.30 8.45
C PRO A 105 -13.59 6.06 9.05
N ARG A 106 -12.33 6.16 9.41
CA ARG A 106 -11.55 5.06 10.02
C ARG A 106 -12.32 4.45 11.19
N ASP A 107 -12.36 3.11 11.22
CA ASP A 107 -12.92 2.38 12.33
C ASP A 107 -12.33 0.97 12.35
N PHE A 108 -11.45 0.74 13.30
CA PHE A 108 -10.81 -0.54 13.39
C PHE A 108 -11.78 -1.59 13.94
N GLY A 109 -12.85 -1.15 14.61
CA GLY A 109 -13.88 -2.08 15.06
C GLY A 109 -13.51 -2.83 16.32
N ASP A 110 -14.31 -3.85 16.65
CA ASP A 110 -14.20 -4.60 17.89
C ASP A 110 -13.30 -5.84 17.74
N LEU A 111 -12.09 -5.77 18.29
CA LEU A 111 -11.12 -6.84 18.16
C LEU A 111 -11.61 -8.16 18.75
N GLU A 112 -12.51 -8.08 19.72
CA GLU A 112 -12.96 -9.30 20.36
C GLU A 112 -13.76 -10.21 19.47
N THR A 113 -14.19 -9.70 18.32
CA THR A 113 -14.95 -10.54 17.42
C THR A 113 -14.09 -11.33 16.44
N PHE A 114 -12.76 -11.26 16.59
CA PHE A 114 -11.84 -12.09 15.79
C PHE A 114 -11.27 -13.17 16.71
N GLY A 115 -10.43 -14.06 16.20
CA GLY A 115 -9.60 -14.88 17.09
C GLY A 115 -9.31 -16.34 16.79
N ASN A 116 -10.26 -17.19 17.13
CA ASN A 116 -10.17 -18.65 16.96
C ASN A 116 -10.10 -19.05 15.47
N LEU A 117 -8.92 -19.04 14.87
CA LEU A 117 -8.88 -19.28 13.42
C LEU A 117 -8.34 -20.65 12.98
N ASP A 118 -7.13 -20.98 13.38
CA ASP A 118 -6.57 -22.29 13.08
C ASP A 118 -5.57 -22.58 14.19
N PRO A 119 -6.07 -22.68 15.43
CA PRO A 119 -5.16 -22.87 16.57
C PRO A 119 -4.43 -24.21 16.43
N GLU A 120 -5.09 -25.14 15.74
CA GLU A 120 -4.58 -26.46 15.46
C GLU A 120 -3.30 -26.37 14.63
N GLY A 121 -3.26 -25.43 13.71
CA GLY A 121 -2.12 -25.28 12.81
C GLY A 121 -2.22 -26.26 11.64
N ALA A 122 -3.46 -26.64 11.32
CA ALA A 122 -3.70 -27.59 10.25
C ALA A 122 -3.80 -26.95 8.87
N PHE A 123 -4.03 -25.63 8.80
CA PHE A 123 -4.40 -24.97 7.54
C PHE A 123 -3.57 -23.73 7.19
N ILE A 124 -3.60 -22.74 8.07
CA ILE A 124 -2.98 -21.45 7.76
C ILE A 124 -1.48 -21.41 8.05
N VAL A 125 -0.69 -21.18 7.01
CA VAL A 125 0.77 -21.09 7.12
C VAL A 125 1.22 -19.75 7.74
N SER A 126 0.63 -18.66 7.30
CA SER A 126 1.09 -17.34 7.78
C SER A 126 -0.03 -16.33 7.60
N THR A 127 0.02 -15.28 8.42
CA THR A 127 -1.01 -14.20 8.44
C THR A 127 -0.33 -12.80 8.42
N ARG A 128 -0.78 -11.90 7.53
CA ARG A 128 -0.14 -10.60 7.42
C ARG A 128 -1.18 -9.54 7.13
N VAL A 129 -1.07 -8.41 7.82
CA VAL A 129 -1.84 -7.20 7.45
C VAL A 129 -0.89 -6.01 7.32
N ARG A 130 -0.88 -5.40 6.14
CA ARG A 130 -0.10 -4.22 5.84
C ARG A 130 -1.04 -3.01 5.72
N CYS A 131 -0.61 -1.88 6.27
CA CYS A 131 -1.27 -0.58 6.06
C CYS A 131 -0.23 0.45 5.69
N GLY A 132 -0.68 1.58 5.18
CA GLY A 132 0.22 2.70 4.87
C GLY A 132 -0.38 4.00 5.39
N ARG A 133 0.45 5.01 5.61
CA ARG A 133 0.04 6.33 6.08
C ARG A 133 0.97 7.39 5.52
N SER A 134 0.42 8.54 5.17
CA SER A 134 1.23 9.74 4.98
C SER A 134 1.08 10.65 6.23
N LEU A 135 2.15 11.32 6.62
CA LEU A 135 2.07 12.31 7.72
C LEU A 135 1.43 13.59 7.24
N ALA A 136 0.39 14.02 7.96
CA ALA A 136 -0.27 15.29 7.69
C ALA A 136 0.77 16.41 7.68
N GLY A 137 0.66 17.29 6.69
CA GLY A 137 1.53 18.46 6.60
C GLY A 137 2.72 18.35 5.65
N TYR A 138 3.07 17.13 5.26
CA TYR A 138 4.21 16.92 4.39
C TYR A 138 3.82 16.59 2.98
N ALA A 139 4.58 17.10 2.02
CA ALA A 139 4.47 16.62 0.65
C ALA A 139 4.79 15.11 0.57
N PHE A 140 4.49 14.52 -0.58
CA PHE A 140 4.89 13.16 -0.88
C PHE A 140 6.28 13.21 -1.58
N ASN A 141 6.87 12.05 -1.89
CA ASN A 141 8.28 11.98 -2.36
C ASN A 141 8.81 12.99 -3.38
N PRO A 142 8.12 13.16 -4.51
CA PRO A 142 8.62 14.08 -5.55
C PRO A 142 8.79 15.51 -5.05
N CYS A 143 8.14 15.85 -3.94
CA CYS A 143 8.11 17.22 -3.50
C CYS A 143 8.79 17.45 -2.16
N LEU A 144 9.26 16.38 -1.51
CA LEU A 144 9.85 16.57 -0.19
C LEU A 144 11.23 17.19 -0.29
N THR A 145 11.54 18.13 0.61
CA THR A 145 12.88 18.71 0.66
C THR A 145 13.76 17.84 1.51
N GLU A 146 15.06 18.07 1.41
CA GLU A 146 15.99 17.31 2.21
C GLU A 146 15.72 17.53 3.69
N ALA A 147 15.45 18.76 4.09
CA ALA A 147 15.10 19.02 5.50
C ALA A 147 13.77 18.37 5.93
N ASN A 148 12.80 18.30 5.02
CA ASN A 148 11.55 17.60 5.27
C ASN A 148 11.83 16.15 5.60
N TYR A 149 12.66 15.50 4.80
CA TYR A 149 12.96 14.08 5.04
C TYR A 149 13.58 13.87 6.42
N LYS A 150 14.53 14.74 6.77
CA LYS A 150 15.21 14.65 8.09
C LYS A 150 14.23 14.87 9.25
N GLU A 151 13.37 15.89 9.13
CA GLU A 151 12.40 16.24 10.16
C GLU A 151 11.35 15.14 10.34
N MET A 152 10.82 14.66 9.22
CA MET A 152 9.85 13.58 9.25
C MET A 152 10.43 12.33 9.93
N GLU A 153 11.65 11.96 9.55
CA GLU A 153 12.30 10.80 10.16
C GLU A 153 12.48 10.98 11.67
N GLU A 154 12.93 12.16 12.11
CA GLU A 154 13.05 12.44 13.55
C GLU A 154 11.73 12.22 14.26
N LYS A 155 10.65 12.68 13.66
CA LYS A 155 9.31 12.53 14.27
C LYS A 155 8.86 11.07 14.33
N VAL A 156 9.06 10.34 13.22
CA VAL A 156 8.71 8.94 13.12
C VAL A 156 9.53 8.14 14.12
N VAL A 157 10.82 8.42 14.17
CA VAL A 157 11.71 7.70 15.12
C VAL A 157 11.37 7.92 16.58
N ALA A 158 11.07 9.16 16.94
CA ALA A 158 10.58 9.49 18.29
C ALA A 158 9.35 8.69 18.68
N SER A 159 8.40 8.57 17.75
CA SER A 159 7.22 7.75 18.00
C SER A 159 7.51 6.22 18.07
N LEU A 160 8.31 5.68 17.15
CA LEU A 160 8.61 4.23 17.16
C LEU A 160 9.46 3.86 18.37
N SER A 161 10.44 4.71 18.66
CA SER A 161 11.30 4.53 19.84
C SER A 161 10.54 4.54 21.16
N SER A 162 9.36 5.14 21.19
CA SER A 162 8.58 5.18 22.44
C SER A 162 7.69 3.95 22.62
N LEU A 163 7.69 3.06 21.63
CA LEU A 163 6.79 1.92 21.66
C LEU A 163 7.23 0.91 22.71
N GLU A 164 6.26 0.38 23.44
CA GLU A 164 6.58 -0.49 24.58
C GLU A 164 6.04 -1.89 24.39
N GLY A 165 6.42 -2.81 25.26
CA GLY A 165 5.82 -4.12 25.24
C GLY A 165 6.00 -4.91 23.95
N GLU A 166 4.91 -5.43 23.43
CA GLU A 166 4.88 -6.22 22.22
C GLU A 166 5.49 -5.49 21.02
N LEU A 167 5.45 -4.16 21.04
CA LEU A 167 5.95 -3.38 19.89
C LEU A 167 7.36 -2.84 20.09
N LYS A 168 7.92 -3.01 21.30
CA LYS A 168 9.27 -2.52 21.53
C LYS A 168 10.27 -3.15 20.55
N GLY A 169 11.17 -2.35 20.02
CA GLY A 169 12.08 -2.82 18.97
C GLY A 169 13.16 -1.83 18.63
N THR A 170 13.72 -1.91 17.41
CA THR A 170 14.91 -1.16 17.07
C THR A 170 14.67 -0.49 15.74
N TYR A 171 15.18 0.73 15.59
CA TYR A 171 15.13 1.49 14.32
C TYR A 171 16.50 1.39 13.65
N TYR A 172 16.54 1.14 12.35
CA TYR A 172 17.78 1.07 11.63
C TYR A 172 17.70 2.06 10.52
N PRO A 173 18.41 3.19 10.60
CA PRO A 173 18.43 4.10 9.46
C PRO A 173 19.09 3.46 8.23
N LEU A 174 18.62 3.81 7.03
CA LEU A 174 19.38 3.47 5.85
C LEU A 174 20.69 4.29 5.75
N THR A 175 20.69 5.52 6.25
CA THR A 175 21.92 6.35 6.20
C THR A 175 23.00 5.69 7.07
N GLY A 176 24.11 5.29 6.45
CA GLY A 176 25.22 4.64 7.15
C GLY A 176 24.96 3.21 7.56
N MET A 177 23.90 2.61 7.00
CA MET A 177 23.56 1.22 7.35
C MET A 177 24.76 0.36 7.06
N THR A 178 25.14 -0.45 8.05
CA THR A 178 26.28 -1.32 7.86
C THR A 178 25.96 -2.57 7.04
N LYS A 179 27.02 -3.16 6.46
CA LYS A 179 26.93 -4.43 5.77
C LYS A 179 26.30 -5.47 6.66
N GLU A 180 26.69 -5.52 7.92
CA GLU A 180 26.16 -6.54 8.80
C GLU A 180 24.61 -6.46 8.97
N VAL A 181 24.13 -5.24 9.17
CA VAL A 181 22.71 -4.95 9.36
C VAL A 181 21.94 -5.17 8.06
N GLN A 182 22.52 -4.71 6.96
CA GLN A 182 21.95 -4.97 5.65
CA GLN A 182 21.97 -4.99 5.64
C GLN A 182 21.70 -6.47 5.44
N THR A 183 22.71 -7.29 5.71
CA THR A 183 22.62 -8.74 5.60
C THR A 183 21.53 -9.37 6.51
N GLN A 184 21.53 -8.96 7.76
CA GLN A 184 20.51 -9.37 8.71
C GLN A 184 19.09 -8.99 8.23
N LEU A 185 18.93 -7.79 7.70
CA LEU A 185 17.61 -7.36 7.26
C LEU A 185 17.23 -8.11 5.96
N ILE A 186 18.21 -8.40 5.11
CA ILE A 186 17.92 -9.23 3.92
C ILE A 186 17.46 -10.63 4.32
N GLN A 187 18.12 -11.23 5.30
CA GLN A 187 17.70 -12.53 5.80
C GLN A 187 16.25 -12.51 6.33
N ASP A 188 15.89 -11.42 7.01
CA ASP A 188 14.54 -11.27 7.59
C ASP A 188 13.50 -10.90 6.52
N ARG A 189 13.94 -10.58 5.31
CA ARG A 189 13.06 -10.00 4.27
C ARG A 189 12.44 -8.65 4.68
N PHE A 190 13.20 -7.89 5.46
CA PHE A 190 12.81 -6.56 5.94
C PHE A 190 13.48 -5.39 5.23
N LEU A 191 14.46 -5.63 4.35
CA LEU A 191 15.29 -4.55 3.78
C LEU A 191 14.59 -4.02 2.55
N PHE A 192 14.62 -2.70 2.37
CA PHE A 192 14.24 -2.10 1.11
C PHE A 192 15.45 -1.36 0.59
N LYS A 193 15.46 -1.08 -0.71
CA LYS A 193 16.56 -0.31 -1.21
C LYS A 193 16.06 0.74 -2.19
N GLU A 194 16.97 1.44 -2.84
CA GLU A 194 16.55 2.47 -3.77
C GLU A 194 15.48 1.88 -4.69
N GLY A 195 14.47 2.66 -5.02
CA GLY A 195 13.32 2.13 -5.72
C GLY A 195 13.62 1.65 -7.11
N ASP A 196 12.77 0.79 -7.64
CA ASP A 196 12.91 0.32 -9.01
C ASP A 196 12.68 1.46 -9.98
N ARG A 197 12.57 1.13 -11.25
CA ARG A 197 12.50 2.15 -12.29
C ARG A 197 11.18 2.92 -12.22
N PHE A 198 10.14 2.28 -11.68
CA PHE A 198 8.82 2.94 -11.50
C PHE A 198 8.90 4.10 -10.48
N LEU A 199 9.58 3.87 -9.35
CA LEU A 199 9.73 4.89 -8.34
C LEU A 199 10.80 5.92 -8.73
N GLN A 200 11.88 5.47 -9.36
CA GLN A 200 12.94 6.39 -9.78
C GLN A 200 12.32 7.39 -10.77
N ALA A 201 11.54 6.87 -11.70
CA ALA A 201 10.96 7.69 -12.75
C ALA A 201 9.87 8.62 -12.20
N ALA A 202 9.45 8.36 -10.96
CA ALA A 202 8.48 9.21 -10.24
C ALA A 202 9.15 10.25 -9.36
N ASN A 203 10.50 10.27 -9.35
CA ASN A 203 11.26 11.18 -8.51
C ASN A 203 11.07 10.89 -7.05
N ALA A 204 10.87 9.61 -6.75
CA ALA A 204 10.51 9.22 -5.38
C ALA A 204 11.74 8.85 -4.55
N CYS A 205 12.92 8.96 -5.15
CA CYS A 205 14.17 8.57 -4.47
C CYS A 205 15.13 9.73 -4.30
N ARG A 206 14.60 10.94 -4.33
CA ARG A 206 15.42 12.13 -4.13
C ARG A 206 16.04 12.14 -2.73
N TYR A 207 17.33 12.49 -2.68
CA TYR A 207 18.10 12.58 -1.46
C TYR A 207 18.31 11.22 -0.78
N TRP A 208 18.15 10.13 -1.52
CA TRP A 208 18.43 8.80 -0.96
C TRP A 208 19.79 8.75 -0.30
N PRO A 209 19.92 8.19 0.91
CA PRO A 209 18.84 7.53 1.65
C PRO A 209 18.41 8.34 2.89
N THR A 210 18.56 9.66 2.83
CA THR A 210 18.18 10.55 3.91
C THR A 210 16.71 10.40 4.27
N GLY A 211 16.45 10.22 5.56
CA GLY A 211 15.10 10.06 6.05
C GLY A 211 14.49 8.70 5.83
N ARG A 212 15.25 7.74 5.30
CA ARG A 212 14.76 6.37 5.13
C ARG A 212 15.26 5.43 6.22
N GLY A 213 14.38 4.55 6.70
CA GLY A 213 14.78 3.61 7.74
C GLY A 213 13.75 2.52 7.96
N ILE A 214 14.11 1.57 8.82
CA ILE A 214 13.35 0.34 8.98
C ILE A 214 13.33 0.07 10.50
N TYR A 215 12.15 -0.26 11.00
CA TYR A 215 11.93 -0.54 12.42
C TYR A 215 11.27 -1.90 12.51
N HIS A 216 11.68 -2.74 13.46
CA HIS A 216 10.90 -3.94 13.72
C HIS A 216 10.94 -4.22 15.20
N ASN A 217 9.90 -4.90 15.69
CA ASN A 217 9.96 -5.32 17.10
C ASN A 217 10.91 -6.48 17.28
N ASP A 218 11.22 -6.78 18.53
CA ASP A 218 12.12 -7.87 18.82
C ASP A 218 11.64 -9.23 18.27
N ALA A 219 10.34 -9.47 18.30
CA ALA A 219 9.75 -10.73 17.86
C ALA A 219 9.79 -10.84 16.36
N LYS A 220 10.04 -9.72 15.69
CA LYS A 220 9.96 -9.68 14.23
C LYS A 220 8.57 -9.99 13.67
N THR A 221 7.56 -9.49 14.38
CA THR A 221 6.17 -9.68 13.98
C THR A 221 5.54 -8.33 13.67
N PHE A 222 6.35 -7.28 13.68
CA PHE A 222 5.90 -5.90 13.41
C PHE A 222 7.03 -5.17 12.73
N LEU A 223 6.73 -4.60 11.56
CA LEU A 223 7.74 -4.00 10.73
C LEU A 223 7.23 -2.62 10.30
N VAL A 224 8.11 -1.63 10.30
CA VAL A 224 7.73 -0.33 9.70
C VAL A 224 8.79 0.11 8.72
N TRP A 225 8.36 0.57 7.54
CA TRP A 225 9.33 1.19 6.65
C TRP A 225 9.05 2.68 6.58
N CYS A 226 10.09 3.48 6.76
CA CYS A 226 9.95 4.93 6.75
C CYS A 226 10.44 5.47 5.42
N ASN A 227 9.57 6.14 4.66
CA ASN A 227 9.95 6.69 3.37
C ASN A 227 10.44 5.76 2.25
N GLU A 228 9.91 4.52 2.20
CA GLU A 228 10.22 3.62 1.10
C GLU A 228 9.44 4.00 -0.14
N GLU A 229 8.19 4.38 0.05
CA GLU A 229 7.32 4.81 -1.07
C GLU A 229 6.34 5.78 -0.45
N ASP A 230 5.65 5.32 0.59
CA ASP A 230 4.86 6.17 1.46
C ASP A 230 5.71 6.59 2.63
N HIS A 231 5.28 7.64 3.33
CA HIS A 231 5.95 8.07 4.54
C HIS A 231 6.08 6.84 5.45
N LEU A 232 4.98 6.11 5.64
CA LEU A 232 4.97 4.94 6.53
C LEU A 232 4.35 3.75 5.83
N ARG A 233 4.99 2.59 5.94
CA ARG A 233 4.37 1.32 5.62
C ARG A 233 4.48 0.52 6.91
N ILE A 234 3.35 -0.03 7.35
CA ILE A 234 3.21 -0.59 8.68
C ILE A 234 2.63 -2.00 8.50
N ILE A 235 3.37 -3.01 8.98
CA ILE A 235 3.00 -4.38 8.74
C ILE A 235 3.05 -5.18 10.04
N SER A 236 2.01 -5.99 10.23
CA SER A 236 1.98 -6.95 11.35
C SER A 236 1.90 -8.32 10.68
N MET A 237 2.71 -9.27 11.13
CA MET A 237 2.63 -10.55 10.50
C MET A 237 3.18 -11.60 11.43
N GLN A 238 2.73 -12.83 11.26
CA GLN A 238 3.31 -13.97 11.98
C GLN A 238 2.98 -15.30 11.31
N LYS A 239 3.74 -16.33 11.67
CA LYS A 239 3.39 -17.72 11.32
C LYS A 239 2.06 -18.10 11.95
N GLY A 240 1.29 -18.92 11.24
CA GLY A 240 0.05 -19.45 11.79
C GLY A 240 -1.10 -18.52 11.54
N GLY A 241 -2.24 -18.81 12.18
CA GLY A 241 -3.48 -18.13 11.78
C GLY A 241 -4.14 -17.27 12.82
N ASP A 242 -3.36 -16.70 13.73
CA ASP A 242 -3.97 -15.86 14.76
C ASP A 242 -4.23 -14.43 14.22
N LEU A 243 -5.28 -14.31 13.41
CA LEU A 243 -5.61 -13.02 12.81
C LEU A 243 -5.94 -11.98 13.88
N LYS A 244 -6.55 -12.42 14.98
CA LYS A 244 -6.82 -11.49 16.04
C LYS A 244 -5.55 -10.79 16.56
N ALA A 245 -4.55 -11.60 16.91
CA ALA A 245 -3.27 -11.10 17.38
C ALA A 245 -2.59 -10.18 16.34
N VAL A 246 -2.59 -10.59 15.08
CA VAL A 246 -1.93 -9.83 14.02
C VAL A 246 -2.60 -8.45 13.90
N TYR A 247 -3.93 -8.47 13.80
CA TYR A 247 -4.70 -7.27 13.63
C TYR A 247 -4.63 -6.39 14.88
N ALA A 248 -4.77 -6.98 16.08
CA ALA A 248 -4.68 -6.21 17.31
C ALA A 248 -3.35 -5.49 17.42
N ARG A 249 -2.26 -6.15 17.03
CA ARG A 249 -0.94 -5.56 17.13
CA ARG A 249 -0.91 -5.58 17.09
C ARG A 249 -0.84 -4.32 16.23
N LEU A 250 -1.38 -4.44 15.03
CA LEU A 250 -1.33 -3.36 14.10
C LEU A 250 -2.20 -2.19 14.59
N VAL A 251 -3.40 -2.51 15.07
CA VAL A 251 -4.31 -1.49 15.59
C VAL A 251 -3.65 -0.72 16.74
N ASN A 252 -3.13 -1.45 17.73
CA ASN A 252 -2.37 -0.82 18.81
C ASN A 252 -1.25 0.06 18.32
N ALA A 253 -0.51 -0.38 17.30
CA ALA A 253 0.64 0.36 16.80
C ALA A 253 0.16 1.63 16.11
N ILE A 254 -0.87 1.53 15.29
CA ILE A 254 -1.29 2.70 14.53
C ILE A 254 -1.90 3.74 15.47
N ASN A 255 -2.63 3.29 16.49
CA ASN A 255 -3.18 4.21 17.48
C ASN A 255 -2.05 4.92 18.25
N GLU A 256 -1.00 4.21 18.64
CA GLU A 256 0.11 4.81 19.35
C GLU A 256 0.87 5.81 18.50
N ILE A 257 1.10 5.47 17.24
CA ILE A 257 1.74 6.39 16.34
C ILE A 257 0.92 7.66 16.15
N GLU A 258 -0.40 7.49 15.98
CA GLU A 258 -1.26 8.66 15.69
C GLU A 258 -1.37 9.60 16.89
N LYS A 259 -1.25 9.06 18.08
CA LYS A 259 -1.15 9.88 19.25
C LYS A 259 -0.05 10.94 19.13
N ARG A 260 1.03 10.63 18.42
CA ARG A 260 2.13 11.58 18.24
C ARG A 260 2.17 12.20 16.86
N ILE A 261 1.58 11.53 15.87
CA ILE A 261 1.69 11.98 14.46
C ILE A 261 0.38 11.86 13.66
N PRO A 262 -0.27 13.01 13.35
CA PRO A 262 -1.50 12.89 12.55
C PRO A 262 -1.25 12.53 11.11
N PHE A 263 -2.22 11.85 10.52
CA PHE A 263 -2.09 11.31 9.19
C PHE A 263 -2.85 12.16 8.17
N SER A 264 -2.38 12.16 6.93
CA SER A 264 -3.13 12.80 5.84
C SER A 264 -4.36 11.97 5.47
N HIS A 265 -5.48 12.65 5.27
CA HIS A 265 -6.72 11.98 5.07
C HIS A 265 -7.55 12.84 4.08
N HIS A 266 -8.57 12.23 3.46
CA HIS A 266 -9.34 12.91 2.42
C HIS A 266 -10.74 12.47 2.66
N ASP A 267 -11.70 13.39 2.53
CA ASP A 267 -13.08 13.07 2.89
C ASP A 267 -13.68 12.05 1.94
N LYS A 268 -13.20 12.00 0.71
CA LYS A 268 -13.76 10.98 -0.19
C LYS A 268 -12.88 9.72 -0.30
N TYR A 269 -11.56 9.89 -0.29
CA TYR A 269 -10.63 8.78 -0.60
C TYR A 269 -9.95 8.11 0.60
N GLY A 270 -10.19 8.60 1.82
CA GLY A 270 -9.64 7.94 3.00
C GLY A 270 -8.17 8.34 3.16
N PHE A 271 -7.35 7.42 3.68
CA PHE A 271 -5.96 7.79 3.90
C PHE A 271 -5.25 7.95 2.58
N LEU A 272 -4.57 9.08 2.41
CA LEU A 272 -3.91 9.38 1.14
C LEU A 272 -2.54 8.78 1.16
N THR A 273 -2.12 8.29 0.01
CA THR A 273 -0.84 7.60 -0.17
C THR A 273 -0.21 8.07 -1.47
N PHE A 274 1.05 7.75 -1.67
CA PHE A 274 1.79 8.14 -2.86
C PHE A 274 1.24 7.41 -4.08
N CYS A 275 1.05 6.10 -3.97
CA CYS A 275 0.35 5.36 -5.04
C CYS A 275 -1.15 5.27 -4.73
N PRO A 276 -2.01 5.73 -5.66
CA PRO A 276 -3.42 5.61 -5.39
C PRO A 276 -3.98 4.17 -5.24
N THR A 277 -3.20 3.12 -5.55
CA THR A 277 -3.68 1.76 -5.28
C THR A 277 -3.77 1.53 -3.77
N ASN A 278 -3.20 2.43 -2.96
CA ASN A 278 -3.13 2.22 -1.49
C ASN A 278 -4.09 3.07 -0.68
N LEU A 279 -5.11 3.62 -1.34
CA LEU A 279 -6.03 4.54 -0.70
C LEU A 279 -7.07 3.89 0.19
N GLY A 280 -7.94 4.72 0.79
CA GLY A 280 -9.06 4.20 1.61
C GLY A 280 -8.59 3.72 2.98
N THR A 281 -8.79 2.44 3.27
CA THR A 281 -8.25 1.76 4.46
C THR A 281 -6.77 1.48 4.34
N THR A 282 -6.27 1.49 3.10
CA THR A 282 -4.88 1.15 2.77
C THR A 282 -4.57 -0.32 3.05
N ILE A 283 -5.55 -1.09 3.51
CA ILE A 283 -5.32 -2.45 3.96
C ILE A 283 -4.95 -3.47 2.85
N ARG A 284 -3.84 -4.14 3.07
CA ARG A 284 -3.42 -5.25 2.21
C ARG A 284 -3.20 -6.42 3.13
N ALA A 285 -4.24 -7.23 3.30
CA ALA A 285 -4.19 -8.42 4.16
C ALA A 285 -3.92 -9.65 3.27
N SER A 286 -3.13 -10.57 3.78
CA SER A 286 -2.70 -11.71 3.00
C SER A 286 -2.54 -12.88 3.99
N VAL A 287 -3.23 -13.98 3.71
CA VAL A 287 -3.12 -15.19 4.55
C VAL A 287 -2.69 -16.33 3.62
N HIS A 288 -1.62 -17.02 3.97
CA HIS A 288 -1.24 -18.21 3.23
C HIS A 288 -1.88 -19.41 3.86
N ILE A 289 -2.71 -20.10 3.09
CA ILE A 289 -3.51 -21.18 3.62
C ILE A 289 -3.41 -22.45 2.77
N ALA A 290 -3.25 -23.58 3.45
CA ALA A 290 -3.18 -24.89 2.77
C ALA A 290 -4.56 -25.49 2.61
N LEU A 291 -5.03 -25.55 1.35
CA LEU A 291 -6.35 -26.09 1.01
C LEU A 291 -6.22 -27.15 -0.13
N PRO A 292 -5.48 -28.24 0.13
CA PRO A 292 -5.23 -29.21 -0.93
C PRO A 292 -6.51 -29.92 -1.44
N LYS A 293 -7.51 -30.12 -0.58
CA LYS A 293 -8.75 -30.72 -1.08
C LYS A 293 -9.53 -29.78 -2.00
N LEU A 294 -9.60 -28.50 -1.66
CA LEU A 294 -10.30 -27.54 -2.53
C LEU A 294 -9.50 -27.24 -3.79
N ALA A 295 -8.17 -27.42 -3.70
CA ALA A 295 -7.30 -27.15 -4.85
C ALA A 295 -7.71 -27.95 -6.09
N ALA A 296 -8.44 -29.04 -5.91
CA ALA A 296 -8.81 -29.90 -7.01
C ALA A 296 -9.86 -29.21 -7.86
N ASP A 297 -10.77 -28.50 -7.19
CA ASP A 297 -12.02 -28.09 -7.83
C ASP A 297 -12.01 -26.68 -8.42
N LEU A 298 -11.15 -25.82 -7.86
CA LEU A 298 -11.10 -24.38 -8.16
C LEU A 298 -12.48 -23.71 -8.44
N ALA A 299 -13.47 -24.17 -7.68
CA ALA A 299 -14.68 -23.42 -7.35
C ALA A 299 -14.32 -22.69 -6.03
N LYS A 300 -13.05 -22.83 -5.67
CA LYS A 300 -12.49 -22.10 -4.55
C LYS A 300 -12.60 -20.60 -4.75
N LEU A 301 -12.30 -20.13 -5.94
CA LEU A 301 -12.47 -18.71 -6.27
C LEU A 301 -13.92 -18.30 -6.03
N ALA A 304 -16.22 -19.41 -3.98
CA ALA A 304 -16.47 -19.40 -2.54
C ALA A 304 -15.79 -18.18 -1.87
N ALA A 305 -14.53 -17.93 -2.23
CA ALA A 305 -13.77 -16.81 -1.65
C ALA A 305 -14.35 -15.50 -2.16
N GLY A 306 -14.77 -15.52 -3.42
CA GLY A 306 -15.42 -14.38 -4.05
C GLY A 306 -16.65 -13.86 -3.32
N LYS A 307 -17.38 -14.74 -2.64
CA LYS A 307 -18.58 -14.31 -1.93
C LYS A 307 -18.22 -13.48 -0.70
N PHE A 308 -16.96 -13.54 -0.27
CA PHE A 308 -16.49 -12.69 0.81
C PHE A 308 -15.59 -11.61 0.26
N ASN A 309 -15.62 -11.43 -1.05
CA ASN A 309 -14.85 -10.39 -1.68
C ASN A 309 -13.35 -10.61 -1.44
N LEU A 310 -12.95 -11.89 -1.45
CA LEU A 310 -11.55 -12.29 -1.31
C LEU A 310 -10.98 -12.87 -2.59
N GLN A 311 -9.68 -12.62 -2.78
CA GLN A 311 -8.97 -13.02 -3.98
C GLN A 311 -8.06 -14.19 -3.64
N VAL A 312 -7.95 -15.13 -4.57
CA VAL A 312 -7.17 -16.34 -4.40
C VAL A 312 -6.02 -16.39 -5.41
N ARG A 313 -4.80 -16.62 -4.91
CA ARG A 313 -3.64 -16.75 -5.80
C ARG A 313 -2.76 -17.92 -5.35
N GLY A 314 -2.22 -18.63 -6.34
CA GLY A 314 -1.39 -19.80 -6.07
C GLY A 314 -0.04 -19.35 -5.54
N THR A 315 0.70 -20.25 -4.94
CA THR A 315 2.03 -19.90 -4.47
C THR A 315 3.06 -20.80 -5.15
N ALA A 316 4.26 -20.25 -5.34
CA ALA A 316 5.30 -20.91 -6.10
C ALA A 316 6.10 -21.91 -5.25
N GLY A 317 6.96 -22.68 -5.91
CA GLY A 317 7.84 -23.61 -5.22
C GLY A 317 7.67 -25.05 -5.69
N GLU A 318 8.65 -25.88 -5.37
CA GLU A 318 8.52 -27.30 -5.61
C GLU A 318 8.37 -28.02 -4.27
N HIS A 319 8.12 -29.32 -4.35
CA HIS A 319 8.04 -30.18 -3.19
C HIS A 319 9.08 -29.84 -2.10
N THR A 320 10.32 -29.62 -2.53
CA THR A 320 11.48 -29.42 -1.62
C THR A 320 11.45 -28.09 -0.86
N GLU A 321 10.58 -27.18 -1.30
CA GLU A 321 10.54 -25.83 -0.74
C GLU A 321 9.27 -25.54 0.04
N ALA A 322 8.14 -25.99 -0.49
CA ALA A 322 6.83 -25.53 -0.02
C ALA A 322 5.78 -26.63 0.01
N GLU A 323 4.88 -26.55 0.98
CA GLU A 323 3.69 -27.40 1.02
C GLU A 323 2.80 -27.12 -0.18
N GLY A 324 2.22 -28.16 -0.79
CA GLY A 324 1.40 -27.98 -1.98
C GLY A 324 -0.04 -27.63 -1.67
N GLY A 325 -0.74 -27.07 -2.64
CA GLY A 325 -2.12 -26.61 -2.44
C GLY A 325 -2.26 -25.42 -1.48
N VAL A 326 -1.21 -24.62 -1.37
CA VAL A 326 -1.22 -23.45 -0.50
C VAL A 326 -1.55 -22.20 -1.32
N TYR A 327 -2.55 -21.44 -0.90
CA TYR A 327 -2.99 -20.26 -1.63
C TYR A 327 -2.78 -19.00 -0.82
N ASP A 328 -2.55 -17.91 -1.53
CA ASP A 328 -2.46 -16.60 -0.95
C ASP A 328 -3.85 -16.02 -1.06
N ILE A 329 -4.49 -15.79 0.08
CA ILE A 329 -5.84 -15.20 0.10
C ILE A 329 -5.75 -13.75 0.57
N SER A 330 -6.31 -12.83 -0.21
CA SER A 330 -6.20 -11.44 0.14
C SER A 330 -7.55 -10.73 -0.07
N ASN A 331 -7.70 -9.56 0.54
CA ASN A 331 -8.88 -8.69 0.35
C ASN A 331 -8.88 -7.94 -0.99
N LYS A 332 -9.96 -8.09 -1.75
CA LYS A 332 -10.16 -7.33 -2.97
C LYS A 332 -10.56 -5.87 -2.66
N ARG A 333 -11.17 -5.64 -1.50
CA ARG A 333 -11.69 -4.33 -1.14
CA ARG A 333 -11.67 -4.31 -1.17
C ARG A 333 -10.77 -3.54 -0.20
N ARG A 334 -10.39 -2.34 -0.62
CA ARG A 334 -9.57 -1.44 0.18
C ARG A 334 -10.31 -0.18 0.49
N MET A 335 -11.12 0.26 -0.49
CA MET A 335 -11.90 1.50 -0.39
C MET A 335 -13.41 1.24 -0.33
N GLY A 336 -14.12 2.13 0.37
CA GLY A 336 -15.58 2.07 0.44
C GLY A 336 -16.06 1.16 1.54
N LEU A 337 -15.19 0.87 2.49
CA LEU A 337 -15.55 -0.02 3.59
C LEU A 337 -14.60 0.32 4.71
N THR A 338 -14.92 -0.03 5.95
CA THR A 338 -14.04 0.30 7.04
C THR A 338 -12.97 -0.79 7.21
N GLU A 339 -11.97 -0.49 8.05
CA GLU A 339 -10.87 -1.40 8.31
C GLU A 339 -11.44 -2.68 8.89
N TYR A 340 -12.39 -2.51 9.82
CA TYR A 340 -13.04 -3.62 10.43
C TYR A 340 -13.77 -4.52 9.41
N GLN A 341 -14.48 -3.93 8.45
CA GLN A 341 -15.21 -4.70 7.46
C GLN A 341 -14.24 -5.50 6.59
N ALA A 342 -13.11 -4.88 6.23
CA ALA A 342 -12.12 -5.46 5.33
C ALA A 342 -11.52 -6.68 6.02
N VAL A 343 -11.13 -6.53 7.28
CA VAL A 343 -10.47 -7.62 8.01
C VAL A 343 -11.47 -8.72 8.40
N LYS A 344 -12.70 -8.32 8.73
CA LYS A 344 -13.77 -9.28 9.07
C LYS A 344 -14.16 -10.12 7.86
N GLU A 345 -14.13 -9.51 6.67
CA GLU A 345 -14.31 -10.25 5.42
C GLU A 345 -13.27 -11.36 5.26
N MET A 346 -12.01 -11.03 5.55
CA MET A 346 -10.92 -12.01 5.50
C MET A 346 -11.23 -13.09 6.52
N TYR A 347 -11.58 -12.67 7.73
CA TYR A 347 -11.78 -13.62 8.82
C TYR A 347 -12.95 -14.57 8.50
N ASP A 348 -14.08 -13.99 8.09
CA ASP A 348 -15.28 -14.75 7.77
C ASP A 348 -15.05 -15.70 6.58
N GLY A 349 -14.42 -15.19 5.53
CA GLY A 349 -14.13 -15.99 4.36
C GLY A 349 -13.19 -17.12 4.66
N LEU A 350 -12.16 -16.85 5.45
CA LEU A 350 -11.20 -17.90 5.80
C LEU A 350 -11.88 -19.01 6.61
N GLN A 351 -12.73 -18.61 7.55
CA GLN A 351 -13.48 -19.55 8.36
C GLN A 351 -14.34 -20.51 7.50
N GLU A 352 -15.00 -19.95 6.50
CA GLU A 352 -15.78 -20.69 5.52
C GLU A 352 -14.88 -21.63 4.68
N LEU A 353 -13.77 -21.09 4.18
CA LEU A 353 -12.85 -21.89 3.39
C LEU A 353 -12.39 -23.12 4.18
N ILE A 354 -12.00 -22.89 5.43
CA ILE A 354 -11.58 -23.98 6.27
C ILE A 354 -12.73 -24.97 6.52
N ARG A 355 -13.93 -24.43 6.70
CA ARG A 355 -15.10 -25.28 6.91
C ARG A 355 -15.27 -26.15 5.66
N MET A 356 -15.20 -25.53 4.47
CA MET A 356 -15.26 -26.25 3.21
C MET A 356 -14.20 -27.32 3.01
N GLU A 357 -12.96 -26.99 3.40
CA GLU A 357 -11.83 -27.92 3.34
C GLU A 357 -12.06 -29.11 4.27
N LYS A 358 -12.58 -28.87 5.47
CA LYS A 358 -12.83 -29.96 6.40
C LYS A 358 -13.95 -30.86 5.86
N GLU A 359 -14.90 -30.28 5.14
CA GLU A 359 -16.05 -31.02 4.68
C GLU A 359 -15.80 -31.76 3.38
N ALA A 360 -14.94 -31.21 2.52
CA ALA A 360 -14.68 -31.82 1.22
C ALA A 360 -14.26 -33.30 1.38
N ALA A 361 -14.55 -34.12 0.37
CA ALA A 361 -14.26 -35.54 0.50
C ALA A 361 -12.75 -35.81 0.43
P PO4 B . -0.36 -7.77 -1.50
O1 PO4 B . -0.29 -6.73 -0.43
O2 PO4 B . -1.81 -8.04 -1.82
O3 PO4 B . 0.30 -9.02 -0.99
O4 PO4 B . 0.36 -7.33 -2.75
#